data_5Z1M
#
_entry.id   5Z1M
#
_cell.length_a   76.250
_cell.length_b   118.820
_cell.length_c   109.260
_cell.angle_alpha   90.00
_cell.angle_beta   90.00
_cell.angle_gamma   90.00
#
_symmetry.space_group_name_H-M   'C 2 2 21'
#
loop_
_entity.id
_entity.type
_entity.pdbx_description
1 polymer 'Phosphopantetheine adenylyltransferase'
2 non-polymer 'CITRIC ACID'
3 water water
#
_entity_poly.entity_id   1
_entity_poly.type   'polypeptide(L)'
_entity_poly.pdbx_seq_one_letter_code
;MSKTRVIYPGTFDPITNGHVDLVTRASRMFDEVVVAIAIGHHKNPLFSLEERVALAQSSLGHLSNVEFVGFDGLLVNFFK
EQKATAVLRGLRAVSDFEYEFQLANMNRQLDPHFEAVFLTPSEQYSFISSTLIREIARLKGDVTKFVPQAVVEAFERKHQ
QGW
;
_entity_poly.pdbx_strand_id   A,B,C
#
loop_
_chem_comp.id
_chem_comp.type
_chem_comp.name
_chem_comp.formula
CIT non-polymer 'CITRIC ACID' 'C6 H8 O7'
#
# COMPACT_ATOMS: atom_id res chain seq x y z
N MET A 1 -30.09 15.12 27.95
CA MET A 1 -29.82 14.84 26.51
C MET A 1 -28.62 15.71 26.00
N SER A 2 -27.38 15.22 26.16
CA SER A 2 -26.25 15.91 25.52
C SER A 2 -26.30 15.75 23.95
N LYS A 3 -25.98 16.86 23.28
CA LYS A 3 -25.93 16.89 21.80
C LYS A 3 -24.66 16.27 21.26
N THR A 4 -24.75 15.43 20.25
CA THR A 4 -23.59 14.78 19.74
C THR A 4 -23.16 15.38 18.41
N ARG A 5 -21.88 15.47 18.18
CA ARG A 5 -21.34 16.01 16.99
C ARG A 5 -20.24 15.11 16.52
N VAL A 6 -20.38 14.52 15.33
CA VAL A 6 -19.43 13.59 14.88
C VAL A 6 -18.82 14.06 13.56
N ILE A 7 -17.52 13.92 13.44
CA ILE A 7 -16.73 14.34 12.32
C ILE A 7 -16.48 13.13 11.42
N TYR A 8 -16.73 13.32 10.13
CA TYR A 8 -16.48 12.31 9.10
C TYR A 8 -15.43 12.77 8.15
N PRO A 9 -14.15 12.49 8.45
CA PRO A 9 -13.06 13.07 7.72
C PRO A 9 -12.67 12.17 6.58
N GLY A 10 -12.22 12.79 5.51
CA GLY A 10 -11.82 12.07 4.36
C GLY A 10 -11.22 13.04 3.35
N THR A 11 -10.65 12.49 2.27
CA THR A 11 -10.30 13.35 1.14
C THR A 11 -11.47 13.44 0.14
N PHE A 12 -12.44 12.54 0.18
CA PHE A 12 -13.64 12.64 -0.71
C PHE A 12 -13.28 13.01 -2.15
N ASP A 13 -12.45 12.23 -2.79
CA ASP A 13 -11.85 12.59 -4.10
C ASP A 13 -12.15 11.59 -5.23
N PRO A 14 -13.40 11.47 -5.67
CA PRO A 14 -14.58 12.27 -5.24
C PRO A 14 -15.43 11.53 -4.22
N ILE A 15 -16.43 12.19 -3.69
CA ILE A 15 -17.47 11.52 -2.89
C ILE A 15 -18.13 10.43 -3.75
N THR A 16 -18.45 9.27 -3.13
CA THR A 16 -19.11 8.16 -3.78
C THR A 16 -20.36 7.76 -3.08
N ASN A 17 -21.10 6.85 -3.68
CA ASN A 17 -22.25 6.33 -3.05
C ASN A 17 -21.99 5.61 -1.69
N GLY A 18 -20.81 5.11 -1.53
CA GLY A 18 -20.35 4.61 -0.24
C GLY A 18 -20.32 5.63 0.87
N HIS A 19 -19.73 6.77 0.53
CA HIS A 19 -19.68 7.87 1.49
C HIS A 19 -21.15 8.38 1.77
N VAL A 20 -21.97 8.43 0.72
CA VAL A 20 -23.38 8.88 0.89
C VAL A 20 -24.10 7.99 1.86
N ASP A 21 -23.92 6.70 1.69
CA ASP A 21 -24.60 5.78 2.63
C ASP A 21 -24.10 5.91 4.06
N LEU A 22 -22.78 6.05 4.26
CA LEU A 22 -22.29 6.22 5.64
C LEU A 22 -22.73 7.49 6.29
N VAL A 23 -22.67 8.59 5.54
CA VAL A 23 -23.17 9.86 6.06
C VAL A 23 -24.66 9.80 6.41
N THR A 24 -25.45 9.17 5.57
CA THR A 24 -26.86 9.06 5.81
C THR A 24 -27.14 8.31 7.08
N ARG A 25 -26.42 7.19 7.27
CA ARG A 25 -26.50 6.44 8.45
C ARG A 25 -26.09 7.14 9.68
N ALA A 26 -25.02 7.87 9.58
CA ALA A 26 -24.53 8.64 10.71
C ALA A 26 -25.52 9.79 11.10
N SER A 27 -26.09 10.39 10.09
CA SER A 27 -27.03 11.51 10.28
C SER A 27 -28.24 11.08 11.06
N ARG A 28 -28.63 9.81 10.97
CA ARG A 28 -29.76 9.26 11.74
C ARG A 28 -29.43 9.02 13.20
N MET A 29 -28.19 8.88 13.54
CA MET A 29 -27.78 8.50 14.84
C MET A 29 -27.15 9.61 15.68
N PHE A 30 -26.64 10.66 15.07
CA PHE A 30 -25.98 11.70 15.81
C PHE A 30 -26.74 13.04 15.46
N ASP A 31 -26.66 13.98 16.35
CA ASP A 31 -27.37 15.24 16.18
C ASP A 31 -26.77 16.05 15.05
N GLU A 32 -25.46 16.13 14.99
CA GLU A 32 -24.71 16.88 13.97
C GLU A 32 -23.60 16.06 13.35
N VAL A 33 -23.48 16.08 12.02
CA VAL A 33 -22.47 15.34 11.27
C VAL A 33 -21.69 16.36 10.42
N VAL A 34 -20.39 16.45 10.61
CA VAL A 34 -19.50 17.30 9.88
C VAL A 34 -18.70 16.50 8.87
N VAL A 35 -19.01 16.67 7.57
CA VAL A 35 -18.17 16.11 6.52
C VAL A 35 -16.96 17.03 6.41
N ALA A 36 -15.82 16.51 6.79
CA ALA A 36 -14.59 17.21 6.92
C ALA A 36 -13.63 16.76 5.87
N ILE A 37 -13.38 17.62 4.89
CA ILE A 37 -12.60 17.29 3.68
C ILE A 37 -11.22 17.78 3.86
N ALA A 38 -10.29 16.81 4.02
CA ALA A 38 -8.89 17.12 4.18
C ALA A 38 -8.35 17.66 2.81
N ILE A 39 -7.63 18.75 2.88
CA ILE A 39 -7.07 19.37 1.71
C ILE A 39 -6.16 18.40 0.98
N GLY A 40 -5.41 17.60 1.78
CA GLY A 40 -4.57 16.54 1.28
C GLY A 40 -3.53 17.03 0.26
N HIS A 41 -2.82 18.16 0.46
CA HIS A 41 -1.88 18.64 -0.60
C HIS A 41 -1.02 17.53 -1.25
N HIS A 42 -0.35 16.75 -0.36
CA HIS A 42 0.39 15.56 -0.77
C HIS A 42 -0.48 14.29 -0.72
N LYS A 43 -0.09 13.29 -1.49
CA LYS A 43 -1.05 12.47 -2.29
C LYS A 43 -2.13 13.36 -2.94
N ASN A 44 -1.74 14.09 -3.97
CA ASN A 44 -2.49 15.17 -4.53
C ASN A 44 -3.77 14.75 -5.30
N PRO A 45 -4.86 15.31 -4.81
CA PRO A 45 -6.17 14.86 -5.30
C PRO A 45 -6.46 15.27 -6.72
N LEU A 46 -7.31 14.50 -7.37
CA LEU A 46 -7.80 14.81 -8.68
C LEU A 46 -8.65 16.10 -8.73
N PHE A 47 -9.57 16.20 -7.80
CA PHE A 47 -10.45 17.34 -7.69
C PHE A 47 -9.89 18.33 -6.62
N SER A 48 -10.03 19.62 -6.87
CA SER A 48 -9.65 20.65 -5.94
C SER A 48 -10.45 20.55 -4.68
N LEU A 49 -9.96 21.14 -3.62
CA LEU A 49 -10.72 21.14 -2.35
C LEU A 49 -12.14 21.75 -2.59
N GLU A 50 -12.18 22.83 -3.35
CA GLU A 50 -13.44 23.55 -3.65
C GLU A 50 -14.42 22.66 -4.47
N GLU A 51 -13.90 21.94 -5.41
CA GLU A 51 -14.70 20.97 -6.18
C GLU A 51 -15.16 19.82 -5.34
N ARG A 52 -14.28 19.31 -4.44
CA ARG A 52 -14.68 18.21 -3.58
C ARG A 52 -15.77 18.63 -2.59
N VAL A 53 -15.64 19.84 -2.01
CA VAL A 53 -16.67 20.37 -1.10
C VAL A 53 -18.04 20.57 -1.86
N ALA A 54 -17.99 21.12 -3.07
CA ALA A 54 -19.16 21.30 -3.94
C ALA A 54 -19.87 20.00 -4.23
N LEU A 55 -19.09 18.94 -4.58
CA LEU A 55 -19.66 17.64 -4.83
C LEU A 55 -20.33 17.04 -3.63
N ALA A 56 -19.69 17.20 -2.49
CA ALA A 56 -20.23 16.65 -1.26
C ALA A 56 -21.57 17.38 -0.88
N GLN A 57 -21.50 18.70 -0.91
CA GLN A 57 -22.71 19.55 -0.58
C GLN A 57 -23.88 19.22 -1.51
N SER A 58 -23.60 19.12 -2.79
CA SER A 58 -24.65 18.82 -3.74
C SER A 58 -25.16 17.42 -3.59
N SER A 59 -24.36 16.46 -3.14
CA SER A 59 -24.80 15.06 -2.99
C SER A 59 -25.46 14.75 -1.67
N LEU A 60 -25.22 15.59 -0.67
CA LEU A 60 -25.79 15.36 0.66
C LEU A 60 -26.69 16.44 1.20
N GLY A 61 -27.00 17.41 0.36
CA GLY A 61 -27.90 18.44 0.80
C GLY A 61 -29.29 18.14 1.25
N HIS A 62 -29.76 16.95 0.95
CA HIS A 62 -31.03 16.48 1.45
C HIS A 62 -31.01 16.05 2.91
N LEU A 63 -29.84 15.97 3.54
CA LEU A 63 -29.70 15.70 4.94
C LEU A 63 -29.59 16.98 5.71
N SER A 64 -30.48 17.24 6.63
CA SER A 64 -30.56 18.59 7.25
C SER A 64 -29.55 18.84 8.32
N ASN A 65 -28.92 17.80 8.92
CA ASN A 65 -28.03 18.04 10.06
C ASN A 65 -26.54 17.81 9.68
N VAL A 66 -26.23 17.92 8.38
CA VAL A 66 -24.83 17.74 7.88
C VAL A 66 -24.20 19.04 7.50
N GLU A 67 -23.00 19.26 7.96
CA GLU A 67 -22.22 20.49 7.66
C GLU A 67 -21.06 20.04 6.75
N PHE A 68 -20.51 20.97 6.01
CA PHE A 68 -19.39 20.63 5.04
C PHE A 68 -18.25 21.57 5.27
N VAL A 69 -17.09 21.05 5.66
CA VAL A 69 -15.96 21.89 5.99
C VAL A 69 -14.63 21.34 5.41
N GLY A 70 -13.78 22.22 4.84
CA GLY A 70 -12.44 21.82 4.45
C GLY A 70 -11.55 21.95 5.65
N PHE A 71 -10.53 21.09 5.81
CA PHE A 71 -9.52 21.28 6.86
C PHE A 71 -8.17 20.80 6.39
N ASP A 72 -7.12 21.20 7.10
CA ASP A 72 -5.75 20.87 6.69
C ASP A 72 -5.28 19.36 6.68
N GLY A 73 -6.11 18.48 7.21
CA GLY A 73 -5.65 17.18 7.56
C GLY A 73 -5.21 16.83 8.97
N LEU A 74 -4.77 17.79 9.82
CA LEU A 74 -4.46 17.34 11.20
C LEU A 74 -5.66 17.00 12.23
N LEU A 75 -6.04 15.74 12.26
CA LEU A 75 -7.33 15.42 12.69
C LEU A 75 -7.60 15.70 14.16
N VAL A 76 -6.62 15.43 15.00
CA VAL A 76 -6.83 15.56 16.42
C VAL A 76 -7.05 17.01 16.88
N ASN A 77 -6.34 17.95 16.24
CA ASN A 77 -6.56 19.38 16.46
C ASN A 77 -7.96 19.86 16.00
N PHE A 78 -8.36 19.40 14.82
CA PHE A 78 -9.68 19.66 14.26
C PHE A 78 -10.74 19.11 15.18
N PHE A 79 -10.55 17.90 15.71
CA PHE A 79 -11.51 17.29 16.61
C PHE A 79 -11.75 18.24 17.87
N LYS A 80 -10.66 18.69 18.45
CA LYS A 80 -10.70 19.60 19.58
C LYS A 80 -11.37 20.98 19.23
N GLU A 81 -10.99 21.57 18.13
CA GLU A 81 -11.57 22.88 17.66
C GLU A 81 -13.06 22.75 17.42
N GLN A 82 -13.46 21.60 16.90
CA GLN A 82 -14.85 21.30 16.56
C GLN A 82 -15.73 20.89 17.75
N LYS A 83 -15.08 20.72 18.90
CA LYS A 83 -15.70 20.20 20.15
C LYS A 83 -16.53 18.96 19.81
N ALA A 84 -15.92 18.02 19.10
CA ALA A 84 -16.67 16.88 18.59
C ALA A 84 -16.79 15.81 19.66
N THR A 85 -17.80 15.00 19.55
CA THR A 85 -18.00 13.77 20.37
C THR A 85 -17.09 12.66 19.92
N ALA A 86 -16.94 12.52 18.55
CA ALA A 86 -16.22 11.41 17.97
C ALA A 86 -15.92 11.70 16.56
N VAL A 87 -14.94 10.98 16.03
CA VAL A 87 -14.71 10.83 14.64
C VAL A 87 -15.32 9.55 14.18
N LEU A 88 -15.92 9.59 12.99
CA LEU A 88 -16.57 8.44 12.33
C LEU A 88 -15.73 8.02 11.18
N ARG A 89 -15.44 6.72 11.06
CA ARG A 89 -14.76 6.18 9.85
C ARG A 89 -15.51 4.97 9.37
N GLY A 90 -15.53 4.75 8.07
CA GLY A 90 -16.01 3.51 7.50
C GLY A 90 -14.94 2.51 7.42
N LEU A 91 -15.22 1.27 7.64
CA LEU A 91 -14.21 0.25 7.54
C LEU A 91 -14.63 -0.70 6.44
N ARG A 92 -13.93 -0.67 5.31
CA ARG A 92 -14.25 -1.70 4.23
C ARG A 92 -13.60 -2.99 4.27
N ALA A 93 -12.36 -3.06 4.73
CA ALA A 93 -11.63 -4.21 4.63
C ALA A 93 -10.63 -4.28 5.75
N VAL A 94 -9.94 -5.41 5.89
CA VAL A 94 -9.01 -5.57 7.01
C VAL A 94 -7.91 -4.50 7.03
N SER A 95 -7.51 -3.99 5.84
CA SER A 95 -6.44 -2.98 5.73
C SER A 95 -6.96 -1.66 6.39
N ASP A 96 -8.25 -1.35 6.20
CA ASP A 96 -8.84 -0.21 6.81
C ASP A 96 -8.90 -0.36 8.34
N PHE A 97 -9.32 -1.53 8.81
CA PHE A 97 -9.42 -1.81 10.22
C PHE A 97 -8.05 -1.59 10.89
N GLU A 98 -7.01 -2.21 10.30
CA GLU A 98 -5.68 -2.12 10.97
C GLU A 98 -5.17 -0.65 11.06
N TYR A 99 -5.29 0.07 9.99
CA TYR A 99 -4.85 1.44 9.95
C TYR A 99 -5.63 2.35 10.90
N GLU A 100 -6.95 2.22 10.89
CA GLU A 100 -7.78 3.06 11.77
C GLU A 100 -7.64 2.71 13.22
N PHE A 101 -7.37 1.45 13.55
CA PHE A 101 -7.16 1.00 14.89
C PHE A 101 -5.90 1.73 15.41
N GLN A 102 -4.90 1.74 14.56
CA GLN A 102 -3.61 2.36 14.92
C GLN A 102 -3.82 3.86 15.10
N LEU A 103 -4.44 4.52 14.18
CA LEU A 103 -4.62 5.96 14.28
C LEU A 103 -5.48 6.39 15.48
N ALA A 104 -6.50 5.60 15.77
CA ALA A 104 -7.31 5.84 17.00
C ALA A 104 -6.44 5.77 18.25
N ASN A 105 -5.48 4.83 18.35
CA ASN A 105 -4.62 4.70 19.45
C ASN A 105 -3.65 5.90 19.51
N MET A 106 -3.17 6.32 18.34
CA MET A 106 -2.28 7.48 18.29
C MET A 106 -3.03 8.75 18.79
N ASN A 107 -4.19 9.00 18.21
CA ASN A 107 -5.04 10.19 18.55
C ASN A 107 -5.46 10.20 20.00
N ARG A 108 -5.70 9.06 20.57
CA ARG A 108 -5.95 8.98 22.00
C ARG A 108 -4.78 9.33 22.86
N GLN A 109 -3.53 9.03 22.47
CA GLN A 109 -2.41 9.44 23.21
C GLN A 109 -2.24 10.98 23.10
N LEU A 110 -2.57 11.56 21.97
CA LEU A 110 -2.44 13.01 21.81
C LEU A 110 -3.58 13.79 22.48
N ASP A 111 -4.73 13.17 22.58
CA ASP A 111 -5.86 13.75 23.30
C ASP A 111 -6.68 12.69 23.97
N PRO A 112 -6.63 12.63 25.30
CA PRO A 112 -7.33 11.53 25.94
C PRO A 112 -8.86 11.57 25.84
N HIS A 113 -9.45 12.68 25.41
CA HIS A 113 -10.90 12.71 25.11
C HIS A 113 -11.22 12.31 23.68
N PHE A 114 -10.22 11.93 22.86
CA PHE A 114 -10.53 11.50 21.49
C PHE A 114 -11.39 10.31 21.51
N GLU A 115 -12.25 10.18 20.55
CA GLU A 115 -13.05 8.97 20.36
C GLU A 115 -13.25 8.70 18.85
N ALA A 116 -13.22 7.47 18.47
CA ALA A 116 -13.47 7.05 17.10
C ALA A 116 -14.49 5.97 17.08
N VAL A 117 -15.50 6.14 16.22
CA VAL A 117 -16.53 5.15 16.06
C VAL A 117 -16.50 4.70 14.63
N PHE A 118 -16.89 3.47 14.39
CA PHE A 118 -16.76 2.94 13.03
C PHE A 118 -18.02 2.30 12.58
N LEU A 119 -18.28 2.36 11.26
CA LEU A 119 -19.39 1.74 10.59
C LEU A 119 -18.80 0.87 9.48
N THR A 120 -19.46 -0.23 9.19
CA THR A 120 -19.11 -0.97 7.98
C THR A 120 -20.10 -0.65 6.85
N PRO A 121 -19.63 -0.73 5.61
CA PRO A 121 -20.56 -0.42 4.50
C PRO A 121 -21.69 -1.43 4.40
N SER A 122 -22.83 -0.92 3.93
CA SER A 122 -23.93 -1.80 3.46
C SER A 122 -23.37 -2.61 2.29
N GLU A 123 -23.81 -3.81 2.21
CA GLU A 123 -23.27 -4.82 1.28
C GLU A 123 -23.19 -4.32 -0.21
N GLN A 124 -24.14 -3.49 -0.67
CA GLN A 124 -24.07 -3.04 -2.08
C GLN A 124 -23.04 -1.99 -2.39
N TYR A 125 -22.47 -1.39 -1.35
CA TYR A 125 -21.42 -0.37 -1.50
C TYR A 125 -20.06 -0.85 -1.03
N SER A 126 -19.97 -2.11 -0.62
CA SER A 126 -18.82 -2.55 0.11
C SER A 126 -17.47 -2.53 -0.73
N PHE A 127 -17.53 -2.59 -2.01
CA PHE A 127 -16.26 -2.47 -2.83
C PHE A 127 -15.90 -1.02 -3.27
N ILE A 128 -16.79 -0.03 -3.02
CA ILE A 128 -16.59 1.26 -3.60
C ILE A 128 -15.59 2.03 -2.76
N SER A 129 -14.54 2.54 -3.43
CA SER A 129 -13.64 3.51 -2.81
C SER A 129 -13.48 4.63 -3.88
N SER A 130 -13.16 5.80 -3.41
CA SER A 130 -12.78 6.88 -4.36
C SER A 130 -11.69 6.43 -5.28
N THR A 131 -10.64 5.76 -4.74
CA THR A 131 -9.52 5.37 -5.55
C THR A 131 -9.93 4.51 -6.71
N LEU A 132 -10.77 3.53 -6.43
CA LEU A 132 -11.22 2.62 -7.48
C LEU A 132 -12.04 3.33 -8.52
N ILE A 133 -12.92 4.19 -8.05
CA ILE A 133 -13.82 4.93 -8.99
C ILE A 133 -12.98 5.84 -9.87
N ARG A 134 -11.97 6.51 -9.32
CA ARG A 134 -11.04 7.31 -10.21
C ARG A 134 -10.39 6.49 -11.26
N GLU A 135 -9.92 5.29 -10.89
CA GLU A 135 -9.28 4.42 -11.83
C GLU A 135 -10.20 4.01 -12.94
N ILE A 136 -11.43 3.63 -12.58
CA ILE A 136 -12.39 3.21 -13.62
C ILE A 136 -12.68 4.39 -14.55
N ALA A 137 -12.94 5.54 -13.96
CA ALA A 137 -13.31 6.76 -14.73
C ALA A 137 -12.15 7.15 -15.65
N ARG A 138 -10.92 7.09 -15.18
CA ARG A 138 -9.76 7.40 -16.01
C ARG A 138 -9.67 6.51 -17.27
N LEU A 139 -10.01 5.22 -17.12
CA LEU A 139 -10.11 4.31 -18.26
C LEU A 139 -11.40 4.44 -19.07
N LYS A 140 -12.17 5.51 -18.86
CA LYS A 140 -13.42 5.75 -19.60
C LYS A 140 -14.49 4.73 -19.29
N GLY A 141 -14.44 4.20 -18.05
CA GLY A 141 -15.47 3.35 -17.54
C GLY A 141 -16.65 4.12 -17.04
N ASP A 142 -17.81 3.50 -17.06
CA ASP A 142 -19.02 4.10 -16.58
C ASP A 142 -19.10 3.91 -15.06
N VAL A 143 -19.08 5.03 -14.32
CA VAL A 143 -19.14 5.02 -12.88
C VAL A 143 -20.50 5.45 -12.34
N THR A 144 -21.46 5.60 -13.24
CA THR A 144 -22.82 6.06 -12.94
C THR A 144 -23.50 5.28 -11.85
N LYS A 145 -23.25 3.98 -11.79
CA LYS A 145 -23.84 3.17 -10.72
C LYS A 145 -23.29 3.41 -9.34
N PHE A 146 -22.13 4.05 -9.21
CA PHE A 146 -21.37 4.12 -7.97
C PHE A 146 -21.23 5.46 -7.31
N VAL A 147 -21.59 6.56 -8.03
CA VAL A 147 -21.38 7.87 -7.51
C VAL A 147 -22.64 8.71 -7.82
N PRO A 148 -22.82 9.80 -7.06
CA PRO A 148 -23.84 10.80 -7.43
C PRO A 148 -23.69 11.43 -8.78
N GLN A 149 -24.80 11.88 -9.30
CA GLN A 149 -24.86 12.56 -10.60
C GLN A 149 -23.88 13.68 -10.74
N ALA A 150 -23.75 14.52 -9.72
CA ALA A 150 -22.79 15.63 -9.84
C ALA A 150 -21.37 15.14 -10.07
N VAL A 151 -21.05 13.93 -9.55
CA VAL A 151 -19.71 13.40 -9.70
C VAL A 151 -19.52 12.88 -11.10
N VAL A 152 -20.54 12.22 -11.64
CA VAL A 152 -20.45 11.75 -13.01
C VAL A 152 -20.11 12.95 -13.95
N GLU A 153 -20.83 14.04 -13.72
CA GLU A 153 -20.63 15.27 -14.53
C GLU A 153 -19.23 15.86 -14.35
N ALA A 154 -18.71 15.80 -13.11
CA ALA A 154 -17.36 16.28 -12.85
C ALA A 154 -16.31 15.49 -13.60
N PHE A 155 -16.50 14.13 -13.65
CA PHE A 155 -15.62 13.30 -14.41
C PHE A 155 -15.67 13.61 -15.91
N GLU A 156 -16.90 13.88 -16.40
CA GLU A 156 -17.06 14.27 -17.80
C GLU A 156 -16.23 15.53 -18.09
N ARG A 157 -16.35 16.49 -17.23
CA ARG A 157 -15.60 17.73 -17.42
C ARG A 157 -14.08 17.48 -17.41
N LYS A 158 -13.64 16.59 -16.52
CA LYS A 158 -12.24 16.19 -16.47
C LYS A 158 -11.75 15.57 -17.75
N HIS A 159 -12.54 14.68 -18.33
CA HIS A 159 -12.21 14.13 -19.62
C HIS A 159 -12.16 15.18 -20.76
N GLN A 160 -13.08 16.15 -20.73
CA GLN A 160 -13.07 17.18 -21.75
C GLN A 160 -11.81 18.04 -21.68
N GLN A 161 -11.23 18.10 -20.51
CA GLN A 161 -10.02 18.81 -20.24
C GLN A 161 -8.79 17.94 -20.29
N GLY A 162 -8.84 16.82 -21.00
CA GLY A 162 -7.67 15.98 -21.23
C GLY A 162 -7.35 14.78 -20.30
N TRP A 163 -8.00 14.64 -19.17
CA TRP A 163 -7.63 13.58 -18.18
C TRP A 163 -7.96 12.08 -18.55
N MET B 1 28.00 -21.01 22.47
CA MET B 1 27.92 -19.49 22.31
C MET B 1 28.98 -19.05 21.30
N SER B 2 28.63 -19.14 20.01
CA SER B 2 29.53 -18.78 18.92
C SER B 2 29.75 -17.25 18.89
N LYS B 3 28.68 -16.57 19.39
CA LYS B 3 28.44 -15.14 19.74
C LYS B 3 27.46 -14.56 18.71
N THR B 4 26.41 -13.93 19.16
CA THR B 4 25.34 -13.61 18.26
C THR B 4 25.33 -12.10 17.82
N ARG B 5 25.04 -11.90 16.57
CA ARG B 5 25.07 -10.61 15.95
C ARG B 5 23.82 -10.48 15.12
N VAL B 6 22.95 -9.55 15.51
CA VAL B 6 21.72 -9.37 14.80
C VAL B 6 21.63 -8.02 14.14
N ILE B 7 21.14 -8.03 12.91
CA ILE B 7 21.01 -6.86 12.06
C ILE B 7 19.56 -6.37 12.19
N TYR B 8 19.41 -5.08 12.46
CA TYR B 8 18.13 -4.40 12.46
C TYR B 8 18.06 -3.37 11.33
N PRO B 9 17.56 -3.80 10.15
CA PRO B 9 17.68 -2.94 8.98
C PRO B 9 16.45 -2.12 8.85
N GLY B 10 16.60 -0.96 8.28
CA GLY B 10 15.46 -0.12 7.97
C GLY B 10 15.96 1.15 7.24
N THR B 11 15.05 2.03 6.85
CA THR B 11 15.48 3.35 6.35
C THR B 11 15.54 4.37 7.50
N PHE B 12 14.95 4.09 8.65
CA PHE B 12 15.04 5.01 9.84
C PHE B 12 14.90 6.51 9.46
N ASP B 13 13.76 6.85 8.81
CA ASP B 13 13.55 8.16 8.20
C ASP B 13 12.35 8.94 8.77
N PRO B 14 12.42 9.41 10.02
CA PRO B 14 13.56 9.28 10.96
C PRO B 14 13.38 8.10 11.95
N ILE B 15 14.42 7.84 12.74
CA ILE B 15 14.29 6.93 13.89
C ILE B 15 13.15 7.40 14.84
N THR B 16 12.37 6.45 15.41
CA THR B 16 11.30 6.76 16.33
C THR B 16 11.44 6.03 17.62
N ASN B 17 10.56 6.34 18.56
CA ASN B 17 10.59 5.65 19.80
C ASN B 17 10.26 4.13 19.70
N GLY B 18 9.57 3.76 18.63
CA GLY B 18 9.37 2.34 18.35
C GLY B 18 10.63 1.62 18.03
N HIS B 19 11.46 2.26 17.18
CA HIS B 19 12.73 1.67 16.84
C HIS B 19 13.62 1.58 18.13
N VAL B 20 13.58 2.63 18.95
CA VAL B 20 14.34 2.67 20.20
C VAL B 20 14.01 1.52 21.09
N ASP B 21 12.71 1.30 21.22
CA ASP B 21 12.26 0.20 22.09
C ASP B 21 12.72 -1.17 21.56
N LEU B 22 12.63 -1.40 20.24
CA LEU B 22 13.04 -2.70 19.72
C LEU B 22 14.52 -2.91 19.82
N VAL B 23 15.31 -1.89 19.52
CA VAL B 23 16.77 -2.02 19.67
C VAL B 23 17.17 -2.29 21.12
N THR B 24 16.55 -1.59 22.07
CA THR B 24 16.83 -1.78 23.45
C THR B 24 16.57 -3.20 23.90
N ARG B 25 15.42 -3.72 23.46
CA ARG B 25 15.06 -5.05 23.75
C ARG B 25 15.97 -6.08 23.10
N ALA B 26 16.35 -5.82 21.87
CA ALA B 26 17.22 -6.71 21.19
C ALA B 26 18.65 -6.72 21.79
N SER B 27 19.07 -5.56 22.24
CA SER B 27 20.40 -5.39 22.83
C SER B 27 20.54 -6.23 24.09
N ARG B 28 19.43 -6.47 24.80
CA ARG B 28 19.45 -7.36 25.99
C ARG B 28 19.50 -8.80 25.68
N MET B 29 19.15 -9.20 24.51
CA MET B 29 19.06 -10.60 24.13
C MET B 29 20.16 -11.09 23.24
N PHE B 30 20.88 -10.22 22.52
CA PHE B 30 21.91 -10.68 21.62
C PHE B 30 23.20 -9.98 22.00
N ASP B 31 24.32 -10.55 21.63
CA ASP B 31 25.63 -9.98 22.02
C ASP B 31 25.90 -8.67 21.30
N GLU B 32 25.61 -8.62 20.00
CA GLU B 32 25.75 -7.42 19.17
C GLU B 32 24.53 -7.11 18.35
N VAL B 33 24.15 -5.82 18.28
CA VAL B 33 23.06 -5.35 17.43
C VAL B 33 23.59 -4.28 16.47
N VAL B 34 23.39 -4.49 15.18
CA VAL B 34 23.79 -3.58 14.13
C VAL B 34 22.52 -2.90 13.58
N VAL B 35 22.40 -1.61 13.86
CA VAL B 35 21.40 -0.78 13.24
C VAL B 35 21.93 -0.48 11.82
N ALA B 36 21.26 -1.03 10.84
CA ALA B 36 21.66 -0.99 9.47
C ALA B 36 20.67 -0.07 8.67
N ILE B 37 21.19 1.10 8.28
CA ILE B 37 20.36 2.16 7.65
C ILE B 37 20.52 2.09 6.18
N ALA B 38 19.46 1.67 5.51
CA ALA B 38 19.48 1.54 4.05
C ALA B 38 19.44 2.94 3.47
N ILE B 39 20.28 3.14 2.47
CA ILE B 39 20.39 4.48 1.86
C ILE B 39 19.03 4.86 1.26
N GLY B 40 18.33 3.84 0.72
CA GLY B 40 17.00 4.00 0.20
C GLY B 40 16.92 5.01 -0.95
N HIS B 41 17.87 5.09 -1.91
CA HIS B 41 17.75 6.16 -2.96
C HIS B 41 16.34 6.32 -3.55
N HIS B 42 15.73 5.19 -3.90
CA HIS B 42 14.34 5.15 -4.40
C HIS B 42 13.35 4.90 -3.22
N LYS B 43 12.13 5.42 -3.39
CA LYS B 43 11.39 6.13 -2.31
C LYS B 43 12.31 7.01 -1.49
N ASN B 44 12.69 8.15 -2.07
CA ASN B 44 13.72 9.02 -1.53
C ASN B 44 13.38 9.72 -0.20
N PRO B 45 14.23 9.41 0.78
CA PRO B 45 13.93 9.78 2.14
C PRO B 45 14.01 11.28 2.41
N LEU B 46 13.29 11.71 3.43
CA LEU B 46 13.33 13.05 3.90
C LEU B 46 14.70 13.52 4.42
N PHE B 47 15.29 12.69 5.28
CA PHE B 47 16.57 12.97 5.90
C PHE B 47 17.67 12.24 5.13
N SER B 48 18.82 12.89 4.98
CA SER B 48 19.97 12.29 4.32
C SER B 48 20.44 11.06 5.09
N LEU B 49 21.20 10.22 4.41
CA LEU B 49 21.75 9.04 5.10
C LEU B 49 22.60 9.48 6.32
N GLU B 50 23.38 10.52 6.12
CA GLU B 50 24.27 11.11 7.14
C GLU B 50 23.45 11.60 8.38
N GLU B 51 22.35 12.30 8.11
CA GLU B 51 21.48 12.72 9.16
C GLU B 51 20.77 11.58 9.84
N ARG B 52 20.35 10.55 9.07
CA ARG B 52 19.66 9.44 9.66
C ARG B 52 20.60 8.62 10.57
N VAL B 53 21.86 8.45 10.15
CA VAL B 53 22.87 7.79 10.98
C VAL B 53 23.13 8.58 12.29
N ALA B 54 23.29 9.91 12.17
CA ALA B 54 23.48 10.80 13.32
C ALA B 54 22.36 10.72 14.34
N LEU B 55 21.12 10.70 13.86
CA LEU B 55 19.96 10.55 14.74
C LEU B 55 19.90 9.23 15.45
N ALA B 56 20.24 8.18 14.72
CA ALA B 56 20.26 6.87 15.33
C ALA B 56 21.34 6.75 16.42
N GLN B 57 22.55 7.20 16.08
CA GLN B 57 23.68 7.20 17.02
C GLN B 57 23.29 8.04 18.29
N SER B 58 22.69 9.18 18.12
CA SER B 58 22.29 9.99 19.24
C SER B 58 21.27 9.32 20.13
N SER B 59 20.34 8.58 19.48
CA SER B 59 19.19 7.99 20.20
C SER B 59 19.54 6.68 20.86
N LEU B 60 20.56 6.00 20.36
CA LEU B 60 20.87 4.66 20.86
C LEU B 60 22.29 4.44 21.27
N GLY B 61 23.10 5.51 21.25
CA GLY B 61 24.51 5.34 21.49
C GLY B 61 24.84 5.04 22.93
N HIS B 62 23.89 5.21 23.84
CA HIS B 62 24.05 4.80 25.19
C HIS B 62 24.08 3.28 25.43
N LEU B 63 23.69 2.47 24.43
CA LEU B 63 23.73 1.05 24.54
C LEU B 63 25.06 0.53 24.02
N SER B 64 25.84 -0.18 24.83
CA SER B 64 27.23 -0.41 24.47
C SER B 64 27.50 -1.44 23.41
N ASN B 65 26.56 -2.33 23.13
CA ASN B 65 26.73 -3.36 22.11
C ASN B 65 25.96 -3.03 20.77
N VAL B 66 25.59 -1.75 20.55
CA VAL B 66 24.88 -1.34 19.32
C VAL B 66 25.77 -0.56 18.38
N GLU B 67 25.82 -0.97 17.12
CA GLU B 67 26.71 -0.38 16.10
C GLU B 67 25.78 0.25 15.07
N PHE B 68 26.28 1.22 14.30
CA PHE B 68 25.42 1.99 13.36
C PHE B 68 26.07 2.03 12.01
N VAL B 69 25.47 1.39 11.01
CA VAL B 69 26.10 1.28 9.69
C VAL B 69 25.10 1.59 8.56
N GLY B 70 25.57 2.39 7.59
CA GLY B 70 24.73 2.72 6.44
C GLY B 70 25.02 1.66 5.42
N PHE B 71 23.99 1.21 4.66
CA PHE B 71 24.24 0.19 3.62
C PHE B 71 23.35 0.40 2.43
N ASP B 72 23.75 -0.20 1.34
CA ASP B 72 23.27 0.27 0.04
C ASP B 72 22.57 -0.79 -0.69
N GLY B 73 23.23 -1.95 -0.84
CA GLY B 73 22.64 -3.01 -1.60
C GLY B 73 21.62 -3.88 -0.87
N LEU B 74 21.66 -5.18 -1.14
CA LEU B 74 20.59 -6.03 -0.66
C LEU B 74 20.85 -6.48 0.74
N LEU B 75 19.82 -6.69 1.49
CA LEU B 75 19.94 -7.22 2.82
C LEU B 75 20.71 -8.52 2.93
N VAL B 76 20.49 -9.43 1.99
CA VAL B 76 21.14 -10.72 2.07
C VAL B 76 22.66 -10.66 1.89
N ASN B 77 23.16 -9.78 1.02
CA ASN B 77 24.58 -9.50 0.88
C ASN B 77 25.23 -8.91 2.13
N PHE B 78 24.54 -7.90 2.72
CA PHE B 78 24.93 -7.30 3.94
C PHE B 78 24.96 -8.32 5.07
N PHE B 79 23.96 -9.18 5.14
CA PHE B 79 23.88 -10.22 6.18
C PHE B 79 25.13 -11.11 6.13
N LYS B 80 25.49 -11.56 4.94
CA LYS B 80 26.66 -12.40 4.73
C LYS B 80 27.97 -11.64 5.09
N GLU B 81 28.13 -10.38 4.63
CA GLU B 81 29.35 -9.58 4.94
C GLU B 81 29.53 -9.41 6.43
N GLN B 82 28.40 -9.19 7.10
CA GLN B 82 28.40 -8.90 8.52
C GLN B 82 28.51 -10.14 9.43
N LYS B 83 28.47 -11.31 8.79
CA LYS B 83 28.47 -12.63 9.45
C LYS B 83 27.44 -12.68 10.53
N ALA B 84 26.22 -12.31 10.17
CA ALA B 84 25.20 -12.11 11.17
C ALA B 84 24.52 -13.44 11.50
N THR B 85 23.98 -13.52 12.70
CA THR B 85 23.15 -14.63 13.15
C THR B 85 21.73 -14.54 12.58
N ALA B 86 21.17 -13.31 12.52
CA ALA B 86 19.80 -13.10 12.16
C ALA B 86 19.56 -11.64 11.83
N VAL B 87 18.49 -11.42 11.12
CA VAL B 87 17.89 -10.07 10.96
C VAL B 87 16.73 -9.99 11.90
N LEU B 88 16.55 -8.83 12.46
CA LEU B 88 15.49 -8.54 13.44
C LEU B 88 14.52 -7.58 12.75
N ARG B 89 13.22 -7.84 12.76
CA ARG B 89 12.21 -6.88 12.26
C ARG B 89 11.07 -6.80 13.23
N GLY B 90 10.48 -5.62 13.32
CA GLY B 90 9.33 -5.39 14.19
C GLY B 90 8.08 -5.72 13.42
N LEU B 91 7.09 -6.25 14.08
CA LEU B 91 5.87 -6.54 13.44
C LEU B 91 4.76 -5.75 14.09
N ARG B 92 4.25 -4.76 13.44
CA ARG B 92 3.06 -3.98 14.02
C ARG B 92 1.75 -4.44 13.74
N ALA B 93 1.52 -4.99 12.56
CA ALA B 93 0.19 -5.28 12.17
C ALA B 93 0.24 -6.40 11.16
N VAL B 94 -0.92 -6.92 10.79
CA VAL B 94 -0.97 -8.03 9.88
C VAL B 94 -0.28 -7.80 8.52
N SER B 95 -0.27 -6.55 8.05
CA SER B 95 0.35 -6.21 6.75
C SER B 95 1.91 -6.35 6.93
N ASP B 96 2.44 -6.03 8.10
CA ASP B 96 3.85 -6.22 8.35
C ASP B 96 4.19 -7.72 8.41
N PHE B 97 3.36 -8.49 9.09
CA PHE B 97 3.55 -9.90 9.21
C PHE B 97 3.62 -10.55 7.77
N GLU B 98 2.64 -10.23 6.94
CA GLU B 98 2.60 -10.91 5.61
C GLU B 98 3.83 -10.51 4.74
N TYR B 99 4.18 -9.26 4.73
CA TYR B 99 5.35 -8.80 4.01
C TYR B 99 6.67 -9.44 4.53
N GLU B 100 6.87 -9.42 5.83
CA GLU B 100 8.05 -10.00 6.40
C GLU B 100 8.16 -11.48 6.26
N PHE B 101 7.04 -12.18 6.26
CA PHE B 101 7.04 -13.61 6.14
C PHE B 101 7.55 -13.91 4.70
N GLN B 102 6.99 -13.16 3.75
CA GLN B 102 7.42 -13.29 2.33
C GLN B 102 8.89 -13.01 2.17
N LEU B 103 9.37 -11.89 2.66
CA LEU B 103 10.75 -11.55 2.49
C LEU B 103 11.75 -12.55 3.17
N ALA B 104 11.37 -13.04 4.32
CA ALA B 104 12.17 -14.08 5.01
C ALA B 104 12.29 -15.31 4.15
N ASN B 105 11.23 -15.74 3.49
CA ASN B 105 11.27 -16.89 2.61
C ASN B 105 12.11 -16.57 1.38
N MET B 106 11.99 -15.39 0.86
CA MET B 106 12.87 -15.01 -0.27
C MET B 106 14.36 -15.06 0.10
N ASN B 107 14.71 -14.39 1.20
CA ASN B 107 16.11 -14.33 1.67
C ASN B 107 16.66 -15.68 2.05
N ARG B 108 15.84 -16.55 2.58
CA ARG B 108 16.25 -17.94 2.77
C ARG B 108 16.54 -18.72 1.50
N GLN B 109 15.81 -18.47 0.40
CA GLN B 109 16.15 -19.07 -0.86
C GLN B 109 17.46 -18.53 -1.38
N LEU B 110 17.77 -17.28 -1.14
CA LEU B 110 19.02 -16.69 -1.60
C LEU B 110 20.23 -17.12 -0.76
N ASP B 111 20.01 -17.35 0.49
CA ASP B 111 21.05 -17.81 1.39
C ASP B 111 20.47 -18.75 2.44
N PRO B 112 20.82 -20.04 2.36
CA PRO B 112 20.18 -20.97 3.27
C PRO B 112 20.57 -20.77 4.76
N HIS B 113 21.60 -19.98 5.06
CA HIS B 113 21.86 -19.61 6.47
C HIS B 113 21.09 -18.37 6.93
N PHE B 114 20.28 -17.77 6.09
CA PHE B 114 19.52 -16.58 6.52
C PHE B 114 18.61 -16.95 7.64
N GLU B 115 18.39 -16.07 8.55
CA GLU B 115 17.44 -16.22 9.61
C GLU B 115 16.79 -14.81 9.92
N ALA B 116 15.52 -14.78 10.24
CA ALA B 116 14.83 -13.58 10.60
C ALA B 116 14.04 -13.81 11.86
N VAL B 117 14.22 -12.94 12.84
CA VAL B 117 13.49 -13.02 14.08
C VAL B 117 12.65 -11.77 14.19
N PHE B 118 11.55 -11.92 14.87
CA PHE B 118 10.60 -10.80 14.94
C PHE B 118 10.26 -10.49 16.35
N LEU B 119 10.06 -9.16 16.63
CA LEU B 119 9.50 -8.74 17.92
C LEU B 119 8.26 -7.91 17.63
N THR B 120 7.33 -7.98 18.55
CA THR B 120 6.16 -7.06 18.44
C THR B 120 6.39 -5.87 19.38
N PRO B 121 5.90 -4.72 18.97
CA PRO B 121 6.16 -3.50 19.82
C PRO B 121 5.46 -3.60 21.13
N SER B 122 6.08 -2.94 22.14
CA SER B 122 5.43 -2.72 23.43
C SER B 122 4.16 -1.88 23.13
N GLU B 123 3.12 -2.18 23.83
CA GLU B 123 1.78 -1.63 23.57
C GLU B 123 1.74 -0.04 23.35
N GLN B 124 2.53 0.68 24.07
CA GLN B 124 2.53 2.17 23.91
C GLN B 124 3.16 2.72 22.61
N TYR B 125 3.91 1.86 21.91
CA TYR B 125 4.57 2.24 20.67
C TYR B 125 3.95 1.59 19.44
N SER B 126 2.89 0.83 19.64
CA SER B 126 2.41 -0.05 18.65
C SER B 126 1.91 0.63 17.31
N PHE B 127 1.49 1.89 17.35
CA PHE B 127 1.08 2.59 16.11
C PHE B 127 2.22 3.42 15.42
N ILE B 128 3.38 3.51 16.05
CA ILE B 128 4.40 4.47 15.58
C ILE B 128 5.10 3.84 14.37
N SER B 129 5.13 4.57 13.25
CA SER B 129 6.03 4.22 12.11
C SER B 129 6.71 5.54 11.67
N SER B 130 7.85 5.45 11.02
CA SER B 130 8.45 6.69 10.49
C SER B 130 7.50 7.39 9.54
N THR B 131 6.77 6.64 8.68
CA THR B 131 5.89 7.20 7.72
C THR B 131 4.81 8.03 8.40
N LEU B 132 4.25 7.51 9.48
CA LEU B 132 3.20 8.26 10.20
C LEU B 132 3.79 9.52 10.81
N ILE B 133 4.96 9.38 11.42
CA ILE B 133 5.57 10.54 12.07
C ILE B 133 5.88 11.63 11.05
N ARG B 134 6.39 11.24 9.86
CA ARG B 134 6.64 12.26 8.79
C ARG B 134 5.34 12.98 8.39
N GLU B 135 4.26 12.21 8.26
CA GLU B 135 2.99 12.79 7.91
C GLU B 135 2.50 13.79 8.92
N ILE B 136 2.62 13.44 10.21
CA ILE B 136 2.19 14.35 11.24
C ILE B 136 3.04 15.65 11.19
N ALA B 137 4.35 15.44 11.14
CA ALA B 137 5.32 16.57 11.17
C ALA B 137 5.10 17.49 9.95
N ARG B 138 4.86 16.92 8.77
CA ARG B 138 4.61 17.71 7.60
C ARG B 138 3.35 18.60 7.75
N LEU B 139 2.33 18.11 8.44
CA LEU B 139 1.14 18.93 8.81
C LEU B 139 1.37 19.82 10.03
N LYS B 140 2.64 20.00 10.46
CA LYS B 140 2.94 20.86 11.61
C LYS B 140 2.41 20.36 12.91
N GLY B 141 2.26 19.03 13.00
CA GLY B 141 1.80 18.39 14.20
C GLY B 141 2.99 18.19 15.13
N ASP B 142 2.69 18.09 16.40
CA ASP B 142 3.65 17.79 17.41
C ASP B 142 3.96 16.27 17.44
N VAL B 143 5.20 15.92 17.19
CA VAL B 143 5.66 14.52 17.23
C VAL B 143 6.49 14.18 18.44
N THR B 144 6.56 15.14 19.38
CA THR B 144 7.39 15.05 20.57
C THR B 144 7.16 13.81 21.38
N LYS B 145 5.92 13.34 21.44
CA LYS B 145 5.64 12.10 22.20
C LYS B 145 6.16 10.84 21.58
N PHE B 146 6.52 10.86 20.30
CA PHE B 146 6.77 9.63 19.52
C PHE B 146 8.18 9.39 19.05
N VAL B 147 9.07 10.43 19.19
CA VAL B 147 10.41 10.33 18.67
C VAL B 147 11.40 10.96 19.68
N PRO B 148 12.67 10.58 19.63
CA PRO B 148 13.70 11.28 20.47
C PRO B 148 13.82 12.76 20.17
N GLN B 149 14.27 13.50 21.16
CA GLN B 149 14.47 14.95 21.06
C GLN B 149 15.31 15.36 19.88
N ALA B 150 16.39 14.65 19.58
CA ALA B 150 17.16 15.04 18.39
C ALA B 150 16.33 15.01 17.11
N VAL B 151 15.30 14.11 17.05
CA VAL B 151 14.51 14.04 15.88
C VAL B 151 13.52 15.24 15.80
N VAL B 152 12.97 15.62 16.94
CA VAL B 152 12.12 16.82 16.96
C VAL B 152 12.87 18.03 16.37
N GLU B 153 14.12 18.16 16.85
CA GLU B 153 14.98 19.28 16.39
C GLU B 153 15.32 19.18 14.91
N ALA B 154 15.48 17.95 14.39
CA ALA B 154 15.77 17.80 12.99
C ALA B 154 14.55 18.21 12.14
N PHE B 155 13.34 17.89 12.62
CA PHE B 155 12.13 18.36 11.96
C PHE B 155 12.02 19.88 11.99
N GLU B 156 12.41 20.49 13.10
CA GLU B 156 12.42 21.96 13.20
C GLU B 156 13.29 22.54 12.12
N ARG B 157 14.48 21.98 11.96
CA ARG B 157 15.38 22.45 10.93
C ARG B 157 14.76 22.31 9.53
N LYS B 158 14.09 21.18 9.29
CA LYS B 158 13.37 20.94 8.04
C LYS B 158 12.29 21.96 7.75
N HIS B 159 11.52 22.31 8.77
CA HIS B 159 10.53 23.40 8.62
C HIS B 159 11.19 24.76 8.33
N GLN B 160 12.31 25.04 8.97
CA GLN B 160 13.03 26.34 8.72
C GLN B 160 13.52 26.41 7.27
N GLN B 161 13.78 25.26 6.67
CA GLN B 161 14.18 25.14 5.30
C GLN B 161 13.02 24.91 4.34
N GLY B 162 11.80 25.30 4.70
CA GLY B 162 10.66 25.25 3.79
C GLY B 162 9.70 24.05 3.85
N TRP B 163 10.09 22.91 4.42
CA TRP B 163 9.30 21.66 4.29
C TRP B 163 7.99 21.56 5.12
N MET C 1 -20.25 -30.04 -24.20
CA MET C 1 -18.94 -29.91 -23.46
C MET C 1 -18.18 -28.63 -23.92
N SER C 2 -18.50 -27.50 -23.32
CA SER C 2 -18.15 -26.20 -23.87
C SER C 2 -16.63 -25.89 -23.69
N LYS C 3 -16.08 -25.11 -24.61
CA LYS C 3 -14.69 -24.60 -24.57
C LYS C 3 -14.52 -23.48 -23.54
N THR C 4 -13.50 -23.55 -22.72
CA THR C 4 -13.30 -22.53 -21.77
C THR C 4 -12.14 -21.62 -22.22
N ARG C 5 -12.27 -20.35 -21.90
CA ARG C 5 -11.24 -19.39 -22.25
C ARG C 5 -11.05 -18.55 -21.03
N VAL C 6 -9.84 -18.55 -20.52
CA VAL C 6 -9.65 -17.78 -19.24
C VAL C 6 -8.59 -16.73 -19.48
N ILE C 7 -8.86 -15.54 -18.97
CA ILE C 7 -7.94 -14.39 -19.10
C ILE C 7 -7.15 -14.29 -17.82
N TYR C 8 -5.84 -14.19 -17.95
CA TYR C 8 -4.92 -13.89 -16.86
C TYR C 8 -4.31 -12.55 -16.98
N PRO C 9 -4.95 -11.52 -16.36
CA PRO C 9 -4.56 -10.14 -16.65
C PRO C 9 -3.56 -9.73 -15.65
N GLY C 10 -2.65 -8.89 -16.07
CA GLY C 10 -1.70 -8.28 -15.15
C GLY C 10 -0.90 -7.24 -15.90
N THR C 11 -0.04 -6.53 -15.19
CA THR C 11 0.94 -5.66 -15.86
C THR C 11 2.21 -6.47 -16.22
N PHE C 12 2.46 -7.62 -15.60
CA PHE C 12 3.61 -8.46 -15.94
C PHE C 12 4.92 -7.66 -16.22
N ASP C 13 5.33 -6.93 -15.23
CA ASP C 13 6.44 -5.96 -15.33
C ASP C 13 7.60 -6.22 -14.36
N PRO C 14 8.36 -7.30 -14.52
CA PRO C 14 8.23 -8.32 -15.59
C PRO C 14 7.47 -9.55 -15.18
N ILE C 15 7.18 -10.44 -16.11
CA ILE C 15 6.72 -11.78 -15.78
C ILE C 15 7.72 -12.53 -14.89
N THR C 16 7.21 -13.27 -13.88
CA THR C 16 8.05 -14.01 -12.91
C THR C 16 7.75 -15.47 -12.89
N ASN C 17 8.53 -16.21 -12.15
CA ASN C 17 8.26 -17.62 -12.01
C ASN C 17 6.93 -17.95 -11.32
N GLY C 18 6.42 -17.00 -10.54
CA GLY C 18 5.09 -17.14 -10.01
C GLY C 18 4.04 -17.14 -11.04
N HIS C 19 4.13 -16.17 -11.95
CA HIS C 19 3.21 -16.11 -13.06
C HIS C 19 3.31 -17.41 -13.92
N VAL C 20 4.56 -17.87 -14.14
CA VAL C 20 4.77 -19.08 -14.95
C VAL C 20 4.06 -20.29 -14.33
N ASP C 21 4.21 -20.41 -13.04
CA ASP C 21 3.57 -21.53 -12.37
C ASP C 21 2.00 -21.46 -12.45
N LEU C 22 1.44 -20.28 -12.28
CA LEU C 22 -0.01 -20.14 -12.37
C LEU C 22 -0.53 -20.37 -13.77
N VAL C 23 0.15 -19.85 -14.78
CA VAL C 23 -0.24 -20.11 -16.13
C VAL C 23 -0.14 -21.58 -16.51
N THR C 24 0.93 -22.24 -16.10
CA THR C 24 1.10 -23.66 -16.35
C THR C 24 -0.04 -24.45 -15.78
N ARG C 25 -0.39 -24.16 -14.54
CA ARG C 25 -1.46 -24.81 -13.89
C ARG C 25 -2.84 -24.54 -14.52
N ALA C 26 -3.04 -23.33 -14.93
CA ALA C 26 -4.24 -22.95 -15.59
C ALA C 26 -4.36 -23.59 -17.00
N SER C 27 -3.26 -23.70 -17.66
CA SER C 27 -3.22 -24.28 -19.04
C SER C 27 -3.65 -25.73 -19.01
N ARG C 28 -3.47 -26.41 -17.87
CA ARG C 28 -3.93 -27.82 -17.73
C ARG C 28 -5.39 -27.93 -17.47
N MET C 29 -6.02 -26.90 -17.01
CA MET C 29 -7.41 -26.94 -16.63
C MET C 29 -8.35 -26.24 -17.59
N PHE C 30 -7.86 -25.33 -18.44
CA PHE C 30 -8.77 -24.62 -19.30
C PHE C 30 -8.27 -24.82 -20.71
N ASP C 31 -9.18 -24.72 -21.66
CA ASP C 31 -8.84 -25.02 -23.07
C ASP C 31 -7.91 -23.94 -23.62
N GLU C 32 -8.21 -22.67 -23.33
CA GLU C 32 -7.42 -21.51 -23.78
C GLU C 32 -7.09 -20.60 -22.62
N VAL C 33 -5.80 -20.15 -22.52
CA VAL C 33 -5.38 -19.23 -21.49
C VAL C 33 -4.79 -17.98 -22.23
N VAL C 34 -5.34 -16.81 -21.97
CA VAL C 34 -4.91 -15.53 -22.53
C VAL C 34 -4.15 -14.74 -21.47
N VAL C 35 -2.83 -14.63 -21.64
CA VAL C 35 -2.01 -13.75 -20.83
C VAL C 35 -2.25 -12.36 -21.38
N ALA C 36 -2.93 -11.55 -20.57
CA ALA C 36 -3.45 -10.26 -20.98
C ALA C 36 -2.68 -9.17 -20.22
N ILE C 37 -1.85 -8.46 -20.94
CA ILE C 37 -0.89 -7.47 -20.37
C ILE C 37 -1.47 -6.11 -20.51
N ALA C 38 -1.83 -5.55 -19.35
CA ALA C 38 -2.38 -4.18 -19.30
C ALA C 38 -1.24 -3.19 -19.61
N ILE C 39 -1.51 -2.24 -20.49
CA ILE C 39 -0.51 -1.25 -20.88
C ILE C 39 -0.04 -0.49 -19.65
N GLY C 40 -0.98 -0.23 -18.71
CA GLY C 40 -0.71 0.38 -17.44
C GLY C 40 -0.02 1.76 -17.59
N HIS C 41 -0.51 2.67 -18.44
CA HIS C 41 0.18 4.01 -18.58
C HIS C 41 0.56 4.66 -17.25
N HIS C 42 -0.40 4.68 -16.33
CA HIS C 42 -0.20 5.17 -14.96
C HIS C 42 0.17 3.98 -14.02
N LYS C 43 0.89 4.30 -12.94
CA LYS C 43 2.04 3.48 -12.45
C LYS C 43 2.86 2.96 -13.61
N ASN C 44 3.66 3.81 -14.21
CA ASN C 44 4.36 3.55 -15.46
C ASN C 44 5.49 2.49 -15.39
N PRO C 45 5.28 1.46 -16.18
CA PRO C 45 6.09 0.24 -16.02
C PRO C 45 7.52 0.38 -16.48
N LEU C 46 8.36 -0.46 -15.92
CA LEU C 46 9.77 -0.53 -16.28
C LEU C 46 9.99 -0.98 -17.73
N PHE C 47 9.32 -2.07 -18.13
CA PHE C 47 9.41 -2.62 -19.44
C PHE C 47 8.26 -2.07 -20.32
N SER C 48 8.52 -1.85 -21.61
CA SER C 48 7.47 -1.42 -22.54
C SER C 48 6.44 -2.56 -22.67
N LEU C 49 5.27 -2.21 -23.16
CA LEU C 49 4.25 -3.22 -23.43
C LEU C 49 4.78 -4.32 -24.36
N GLU C 50 5.49 -3.92 -25.41
CA GLU C 50 6.02 -4.83 -26.43
C GLU C 50 7.05 -5.77 -25.79
N GLU C 51 7.91 -5.24 -24.93
CA GLU C 51 8.87 -6.06 -24.23
C GLU C 51 8.18 -6.98 -23.22
N ARG C 52 7.15 -6.50 -22.56
CA ARG C 52 6.46 -7.35 -21.53
C ARG C 52 5.75 -8.52 -22.24
N VAL C 53 5.13 -8.23 -23.39
CA VAL C 53 4.50 -9.30 -24.21
C VAL C 53 5.53 -10.36 -24.69
N ALA C 54 6.63 -9.88 -25.22
CA ALA C 54 7.77 -10.75 -25.66
C ALA C 54 8.35 -11.59 -24.55
N LEU C 55 8.51 -11.03 -23.36
CA LEU C 55 8.97 -11.83 -22.21
C LEU C 55 8.04 -12.91 -21.78
N ALA C 56 6.77 -12.58 -21.83
CA ALA C 56 5.75 -13.55 -21.47
C ALA C 56 5.74 -14.71 -22.52
N GLN C 57 5.74 -14.33 -23.79
CA GLN C 57 5.84 -15.32 -24.91
C GLN C 57 7.04 -16.23 -24.76
N SER C 58 8.21 -15.66 -24.46
CA SER C 58 9.40 -16.44 -24.30
C SER C 58 9.33 -17.39 -23.18
N SER C 59 8.68 -16.97 -22.06
CA SER C 59 8.63 -17.78 -20.87
C SER C 59 7.54 -18.83 -20.84
N LEU C 60 6.52 -18.63 -21.64
CA LEU C 60 5.36 -19.55 -21.63
C LEU C 60 4.98 -20.13 -22.97
N GLY C 61 5.79 -19.89 -23.98
CA GLY C 61 5.41 -20.27 -25.28
C GLY C 61 5.45 -21.73 -25.55
N HIS C 62 6.12 -22.49 -24.65
CA HIS C 62 6.07 -23.92 -24.71
C HIS C 62 4.72 -24.55 -24.37
N LEU C 63 3.77 -23.80 -23.83
CA LEU C 63 2.40 -24.29 -23.60
C LEU C 63 1.59 -23.83 -24.78
N SER C 64 1.07 -24.76 -25.57
CA SER C 64 0.53 -24.46 -26.85
C SER C 64 -0.83 -23.83 -26.85
N ASN C 65 -1.58 -23.88 -25.74
CA ASN C 65 -2.91 -23.26 -25.66
C ASN C 65 -2.89 -21.87 -24.93
N VAL C 66 -1.71 -21.25 -24.76
CA VAL C 66 -1.57 -19.91 -24.20
C VAL C 66 -1.35 -18.86 -25.29
N GLU C 67 -2.09 -17.77 -25.20
CA GLU C 67 -2.01 -16.63 -26.15
C GLU C 67 -1.49 -15.44 -25.35
N PHE C 68 -0.93 -14.46 -26.03
CA PHE C 68 -0.35 -13.27 -25.38
C PHE C 68 -0.86 -12.02 -26.00
N VAL C 69 -1.57 -11.18 -25.23
CA VAL C 69 -2.18 -10.00 -25.79
C VAL C 69 -2.05 -8.78 -24.89
N GLY C 70 -1.77 -7.62 -25.50
CA GLY C 70 -1.74 -6.35 -24.83
C GLY C 70 -3.13 -5.82 -24.78
N PHE C 71 -3.53 -5.13 -23.71
CA PHE C 71 -4.81 -4.39 -23.69
C PHE C 71 -4.71 -3.15 -22.83
N ASP C 72 -5.66 -2.26 -23.00
CA ASP C 72 -5.69 -0.98 -22.37
C ASP C 72 -7.17 -0.88 -22.09
N GLY C 73 -7.58 0.11 -21.31
CA GLY C 73 -8.93 0.24 -20.84
C GLY C 73 -9.32 -0.86 -19.82
N LEU C 74 -10.62 -1.01 -19.65
CA LEU C 74 -11.11 -1.79 -18.55
C LEU C 74 -11.06 -3.30 -18.76
N LEU C 75 -10.68 -4.04 -17.76
CA LEU C 75 -10.75 -5.48 -17.78
C LEU C 75 -12.11 -6.03 -18.14
N VAL C 76 -13.16 -5.41 -17.65
CA VAL C 76 -14.48 -5.97 -17.90
C VAL C 76 -14.90 -5.89 -19.39
N ASN C 77 -14.52 -4.84 -20.07
CA ASN C 77 -14.67 -4.68 -21.51
C ASN C 77 -13.89 -5.72 -22.33
N PHE C 78 -12.64 -5.91 -21.96
CA PHE C 78 -11.75 -6.90 -22.53
C PHE C 78 -12.34 -8.30 -22.32
N PHE C 79 -12.87 -8.56 -21.14
CA PHE C 79 -13.50 -9.85 -20.84
C PHE C 79 -14.65 -10.15 -21.85
N LYS C 80 -15.52 -9.17 -22.03
CA LYS C 80 -16.63 -9.27 -22.99
C LYS C 80 -16.13 -9.44 -24.46
N GLU C 81 -15.17 -8.64 -24.89
CA GLU C 81 -14.62 -8.71 -26.28
C GLU C 81 -14.02 -10.06 -26.55
N GLN C 82 -13.35 -10.59 -25.51
CA GLN C 82 -12.64 -11.87 -25.61
C GLN C 82 -13.51 -13.09 -25.46
N LYS C 83 -14.78 -12.87 -25.15
CA LYS C 83 -15.78 -13.90 -24.86
C LYS C 83 -15.23 -14.91 -23.90
N ALA C 84 -14.69 -14.40 -22.79
CA ALA C 84 -14.01 -15.25 -21.84
C ALA C 84 -15.00 -15.89 -20.90
N THR C 85 -14.60 -17.03 -20.38
CA THR C 85 -15.34 -17.74 -19.30
C THR C 85 -15.12 -17.06 -17.97
N ALA C 86 -13.84 -16.65 -17.72
CA ALA C 86 -13.49 -16.11 -16.39
C ALA C 86 -12.18 -15.39 -16.52
N VAL C 87 -11.93 -14.55 -15.54
CA VAL C 87 -10.59 -14.01 -15.28
C VAL C 87 -9.96 -14.85 -14.18
N LEU C 88 -8.67 -15.11 -14.31
CA LEU C 88 -7.87 -15.88 -13.37
C LEU C 88 -6.94 -14.91 -12.65
N ARG C 89 -6.89 -14.96 -11.32
CA ARG C 89 -5.91 -14.19 -10.53
C ARG C 89 -5.23 -15.12 -9.54
N GLY C 90 -4.01 -14.80 -9.19
CA GLY C 90 -3.30 -15.48 -8.14
C GLY C 90 -3.54 -14.77 -6.84
N LEU C 91 -3.66 -15.49 -5.77
CA LEU C 91 -3.78 -14.85 -4.47
C LEU C 91 -2.62 -15.28 -3.64
N ARG C 92 -1.71 -14.35 -3.36
CA ARG C 92 -0.60 -14.65 -2.45
C ARG C 92 -0.78 -14.47 -1.04
N ALA C 93 -1.49 -13.46 -0.63
CA ALA C 93 -1.52 -13.08 0.74
C ALA C 93 -2.84 -12.40 0.97
N VAL C 94 -3.14 -12.14 2.21
CA VAL C 94 -4.41 -11.52 2.59
C VAL C 94 -4.75 -10.21 1.87
N SER C 95 -3.73 -9.40 1.56
CA SER C 95 -3.95 -8.08 0.92
C SER C 95 -4.39 -8.37 -0.55
N ASP C 96 -3.90 -9.43 -1.17
CA ASP C 96 -4.37 -9.81 -2.49
C ASP C 96 -5.82 -10.27 -2.44
N PHE C 97 -6.14 -11.09 -1.47
CA PHE C 97 -7.49 -11.61 -1.30
C PHE C 97 -8.50 -10.43 -1.17
N GLU C 98 -8.17 -9.48 -0.31
CA GLU C 98 -9.09 -8.35 -0.11
C GLU C 98 -9.34 -7.52 -1.36
N TYR C 99 -8.29 -7.21 -2.03
CA TYR C 99 -8.35 -6.39 -3.24
C TYR C 99 -9.13 -7.15 -4.37
N GLU C 100 -8.83 -8.41 -4.57
CA GLU C 100 -9.45 -9.16 -5.62
C GLU C 100 -10.92 -9.47 -5.32
N PHE C 101 -11.28 -9.62 -4.08
CA PHE C 101 -12.66 -9.86 -3.65
C PHE C 101 -13.45 -8.58 -4.04
N GLN C 102 -12.87 -7.45 -3.75
CA GLN C 102 -13.49 -6.13 -4.05
C GLN C 102 -13.65 -6.00 -5.56
N LEU C 103 -12.60 -6.18 -6.30
CA LEU C 103 -12.66 -6.01 -7.75
C LEU C 103 -13.64 -6.99 -8.44
N ALA C 104 -13.71 -8.21 -7.94
CA ALA C 104 -14.66 -9.20 -8.50
C ALA C 104 -16.07 -8.70 -8.27
N ASN C 105 -16.39 -8.15 -7.11
CA ASN C 105 -17.71 -7.64 -6.82
C ASN C 105 -18.02 -6.42 -7.70
N MET C 106 -17.04 -5.57 -7.87
CA MET C 106 -17.23 -4.40 -8.68
C MET C 106 -17.47 -4.79 -10.17
N ASN C 107 -16.61 -5.63 -10.71
CA ASN C 107 -16.74 -6.15 -12.12
C ASN C 107 -18.01 -6.90 -12.36
N ARG C 108 -18.49 -7.62 -11.39
CA ARG C 108 -19.84 -8.21 -11.51
C ARG C 108 -20.97 -7.22 -11.54
N GLN C 109 -20.87 -6.06 -10.87
CA GLN C 109 -21.87 -5.05 -11.00
C GLN C 109 -21.79 -4.41 -12.37
N LEU C 110 -20.63 -4.32 -12.97
CA LEU C 110 -20.52 -3.72 -14.31
C LEU C 110 -20.96 -4.69 -15.40
N ASP C 111 -20.78 -5.98 -15.17
CA ASP C 111 -21.24 -7.00 -16.10
C ASP C 111 -21.66 -8.23 -15.35
N PRO C 112 -22.96 -8.53 -15.34
CA PRO C 112 -23.39 -9.67 -14.48
C PRO C 112 -22.89 -11.03 -14.92
N HIS C 113 -22.35 -11.17 -16.15
CA HIS C 113 -21.70 -12.44 -16.53
C HIS C 113 -20.22 -12.50 -16.18
N PHE C 114 -19.65 -11.46 -15.54
CA PHE C 114 -18.25 -11.53 -15.15
C PHE C 114 -18.05 -12.63 -14.21
N GLU C 115 -16.91 -13.29 -14.29
CA GLU C 115 -16.53 -14.29 -13.33
C GLU C 115 -15.00 -14.21 -13.07
N ALA C 116 -14.60 -14.48 -11.86
CA ALA C 116 -13.19 -14.47 -11.46
C ALA C 116 -12.91 -15.74 -10.69
N VAL C 117 -11.84 -16.42 -11.05
CA VAL C 117 -11.43 -17.59 -10.34
C VAL C 117 -10.04 -17.40 -9.84
N PHE C 118 -9.68 -18.08 -8.75
CA PHE C 118 -8.42 -17.79 -8.16
C PHE C 118 -7.63 -19.03 -7.92
N LEU C 119 -6.31 -18.92 -7.98
CA LEU C 119 -5.38 -19.96 -7.61
C LEU C 119 -4.46 -19.38 -6.51
N THR C 120 -4.01 -20.22 -5.61
CA THR C 120 -2.95 -19.88 -4.73
C THR C 120 -1.61 -20.44 -5.23
N PRO C 121 -0.52 -19.73 -4.95
CA PRO C 121 0.75 -20.18 -5.50
C PRO C 121 1.20 -21.48 -4.82
N SER C 122 1.98 -22.25 -5.60
CA SER C 122 2.82 -23.31 -5.04
C SER C 122 3.79 -22.67 -4.03
N GLU C 123 4.03 -23.36 -2.96
CA GLU C 123 4.79 -22.87 -1.82
C GLU C 123 6.19 -22.25 -2.20
N GLN C 124 6.86 -22.79 -3.21
CA GLN C 124 8.20 -22.19 -3.58
C GLN C 124 8.13 -20.87 -4.31
N TYR C 125 6.95 -20.52 -4.78
CA TYR C 125 6.76 -19.24 -5.51
C TYR C 125 5.98 -18.20 -4.72
N SER C 126 5.54 -18.56 -3.51
CA SER C 126 4.55 -17.82 -2.83
C SER C 126 4.91 -16.35 -2.45
N PHE C 127 6.19 -16.01 -2.34
CA PHE C 127 6.56 -14.58 -2.08
C PHE C 127 6.80 -13.69 -3.36
N ILE C 128 6.78 -14.30 -4.54
CA ILE C 128 7.34 -13.63 -5.71
C ILE C 128 6.30 -12.66 -6.27
N SER C 129 6.69 -11.39 -6.42
CA SER C 129 5.84 -10.43 -7.17
C SER C 129 6.74 -9.68 -8.17
N SER C 130 6.13 -9.15 -9.24
CA SER C 130 6.93 -8.29 -10.16
C SER C 130 7.57 -7.12 -9.36
N THR C 131 6.81 -6.51 -8.46
CA THR C 131 7.30 -5.36 -7.70
C THR C 131 8.52 -5.70 -6.90
N LEU C 132 8.52 -6.85 -6.26
CA LEU C 132 9.73 -7.29 -5.51
C LEU C 132 10.89 -7.48 -6.42
N ILE C 133 10.64 -8.19 -7.52
CA ILE C 133 11.73 -8.49 -8.48
C ILE C 133 12.35 -7.19 -9.01
N ARG C 134 11.50 -6.20 -9.33
CA ARG C 134 12.06 -4.89 -9.80
C ARG C 134 12.94 -4.23 -8.76
N GLU C 135 12.46 -4.25 -7.51
CA GLU C 135 13.22 -3.68 -6.42
C GLU C 135 14.59 -4.34 -6.25
N ILE C 136 14.60 -5.67 -6.31
CA ILE C 136 15.84 -6.38 -6.09
C ILE C 136 16.81 -6.05 -7.25
N ALA C 137 16.27 -6.14 -8.48
CA ALA C 137 17.10 -5.93 -9.67
C ALA C 137 17.67 -4.52 -9.71
N ARG C 138 16.86 -3.52 -9.34
CA ARG C 138 17.36 -2.15 -9.26
C ARG C 138 18.51 -1.97 -8.29
N LEU C 139 18.52 -2.70 -7.18
CA LEU C 139 19.65 -2.69 -6.24
C LEU C 139 20.78 -3.64 -6.68
N LYS C 140 20.76 -4.11 -7.93
CA LYS C 140 21.80 -4.99 -8.45
C LYS C 140 21.85 -6.34 -7.79
N GLY C 141 20.68 -6.78 -7.34
CA GLY C 141 20.52 -8.09 -6.78
C GLY C 141 20.32 -9.08 -7.90
N ASP C 142 20.66 -10.33 -7.61
CA ASP C 142 20.46 -11.39 -8.55
C ASP C 142 18.99 -11.89 -8.47
N VAL C 143 18.25 -11.77 -9.57
CA VAL C 143 16.87 -12.25 -9.62
C VAL C 143 16.71 -13.57 -10.38
N THR C 144 17.84 -14.18 -10.73
CA THR C 144 17.88 -15.42 -11.48
C THR C 144 17.08 -16.52 -10.89
N LYS C 145 17.03 -16.62 -9.57
CA LYS C 145 16.18 -17.67 -8.91
C LYS C 145 14.70 -17.54 -9.10
N PHE C 146 14.22 -16.35 -9.44
CA PHE C 146 12.79 -15.99 -9.34
C PHE C 146 12.08 -15.68 -10.63
N VAL C 147 12.83 -15.54 -11.76
CA VAL C 147 12.27 -15.18 -13.00
C VAL C 147 12.88 -16.06 -14.13
N PRO C 148 12.10 -16.24 -15.23
CA PRO C 148 12.69 -16.90 -16.40
C PRO C 148 13.94 -16.27 -16.95
N GLN C 149 14.66 -17.10 -17.66
CA GLN C 149 15.89 -16.69 -18.34
C GLN C 149 15.72 -15.47 -19.21
N ALA C 150 14.66 -15.45 -19.99
CA ALA C 150 14.43 -14.24 -20.83
C ALA C 150 14.37 -12.95 -20.02
N VAL C 151 13.86 -13.02 -18.79
CA VAL C 151 13.75 -11.80 -17.98
C VAL C 151 15.07 -11.42 -17.40
N VAL C 152 15.86 -12.40 -16.98
CA VAL C 152 17.19 -12.11 -16.52
C VAL C 152 17.97 -11.29 -17.64
N GLU C 153 17.84 -11.81 -18.86
CA GLU C 153 18.53 -11.18 -20.02
C GLU C 153 17.96 -9.81 -20.35
N ALA C 154 16.66 -9.61 -20.12
CA ALA C 154 16.06 -8.28 -20.35
C ALA C 154 16.60 -7.26 -19.31
N PHE C 155 16.82 -7.70 -18.06
CA PHE C 155 17.43 -6.87 -17.05
C PHE C 155 18.87 -6.55 -17.45
N GLU C 156 19.59 -7.50 -18.02
CA GLU C 156 20.96 -7.25 -18.52
C GLU C 156 20.94 -6.14 -19.52
N ARG C 157 20.02 -6.23 -20.46
CA ARG C 157 19.90 -5.19 -21.49
C ARG C 157 19.62 -3.83 -20.85
N LYS C 158 18.74 -3.80 -19.84
CA LYS C 158 18.41 -2.58 -19.09
C LYS C 158 19.64 -1.99 -18.41
N HIS C 159 20.47 -2.82 -17.80
CA HIS C 159 21.70 -2.34 -17.18
C HIS C 159 22.69 -1.77 -18.22
N GLN C 160 22.78 -2.42 -19.38
CA GLN C 160 23.64 -1.88 -20.45
C GLN C 160 23.20 -0.51 -20.93
N GLN C 161 21.91 -0.26 -20.82
CA GLN C 161 21.30 1.00 -21.18
C GLN C 161 21.17 1.98 -20.01
N GLY C 162 21.98 1.82 -18.96
CA GLY C 162 22.00 2.78 -17.85
C GLY C 162 21.17 2.52 -16.58
N TRP C 163 20.18 1.63 -16.61
CA TRP C 163 19.20 1.50 -15.50
C TRP C 163 19.72 0.82 -14.23
C1 CIT D . -9.85 6.34 -1.10
O1 CIT D . -8.81 6.86 -1.47
O2 CIT D . -10.55 5.59 -1.80
C2 CIT D . -10.28 6.70 0.33
C3 CIT D . -11.59 7.46 0.48
O7 CIT D . -12.21 8.21 -0.54
C4 CIT D . -12.06 7.76 1.94
C5 CIT D . -11.82 9.26 1.98
O3 CIT D . -10.63 9.69 2.16
O4 CIT D . -12.80 10.03 1.70
C6 CIT D . -12.46 6.21 0.22
O5 CIT D . -12.23 5.14 0.84
O6 CIT D . -13.37 6.15 -0.62
C1 CIT E . 9.05 2.43 10.58
O1 CIT E . 8.89 3.06 11.56
O2 CIT E . 8.33 1.43 10.31
C2 CIT E . 10.23 2.97 9.78
C3 CIT E . 10.55 1.95 8.78
O7 CIT E . 10.63 0.64 9.32
C4 CIT E . 9.45 2.10 7.63
C5 CIT E . 8.33 3.22 7.60
O3 CIT E . 7.70 3.79 8.56
O4 CIT E . 7.97 3.69 6.51
C6 CIT E . 12.07 1.79 8.60
O5 CIT E . 12.95 2.13 9.46
O6 CIT E . 12.41 1.23 7.58
C1 CIT F . 3.17 -6.65 -8.96
O1 CIT F . 4.09 -7.31 -8.40
O2 CIT F . 3.35 -5.49 -9.38
C2 CIT F . 1.78 -7.21 -9.26
C3 CIT F . 1.81 -8.20 -10.43
O7 CIT F . 2.96 -8.25 -11.28
C4 CIT F . 0.62 -9.00 -10.99
C5 CIT F . 0.48 -8.40 -12.38
O3 CIT F . 1.08 -9.05 -13.28
O4 CIT F . -0.12 -7.27 -12.57
C6 CIT F . 2.26 -9.38 -9.49
O5 CIT F . 1.51 -9.85 -8.58
O6 CIT F . 3.39 -9.95 -9.60
#